data_8F16
#
_entry.id   8F16
#
_cell.length_a   50.560
_cell.length_b   66.880
_cell.length_c   103.280
_cell.angle_alpha   90.00
_cell.angle_beta   90.00
_cell.angle_gamma   90.00
#
_symmetry.space_group_name_H-M   'P 21 21 21'
#
loop_
_entity.id
_entity.type
_entity.pdbx_description
1 polymer 'E3 ubiquitin-protein ligase CHIP'
2 polymer 'all-D Helicon Polypeptide H203'
3 non-polymer 1,2-ETHANEDIOL
4 non-polymer "N,N'-(1,4-phenylene)diacetamide"
5 water water
#
loop_
_entity_poly.entity_id
_entity_poly.type
_entity_poly.pdbx_seq_one_letter_code
_entity_poly.pdbx_strand_id
1 'polypeptide(L)'
;GASPSAQELKEQGNRLFVGRKYPEAAACYGRAITRNPLVAVYYTNRALCYLKMQQHEQALADCRRALELDGQSVKAHFFL
GQCQLEMESYDEAIANLQRAYSLAKEQRLNFGDDIPSALRIAKKKRWNSIEERR
;
A,B
2 'polypeptide(D)'
;(ACE)(DPR)(DHI)(DGL)(MED)(DCY)(DTY)(DTR)(DAL)(DAS)(DAL)(DTY)(DCY)(DAR)(DTY)(DSN)
(NH2)
;
C,D
#
# COMPACT_ATOMS: atom_id res chain seq x y z
N GLY A 1 4.74 -26.28 -23.71
CA GLY A 1 4.67 -25.40 -22.56
C GLY A 1 4.57 -23.96 -23.01
N ALA A 2 4.41 -23.06 -22.04
CA ALA A 2 4.36 -21.63 -22.29
C ALA A 2 5.48 -20.94 -21.52
N SER A 3 6.10 -19.94 -22.15
CA SER A 3 7.11 -19.13 -21.47
C SER A 3 6.47 -17.82 -21.03
N PRO A 4 6.30 -17.58 -19.73
CA PRO A 4 5.62 -16.35 -19.31
C PRO A 4 6.51 -15.15 -19.56
N SER A 5 5.84 -14.01 -19.70
CA SER A 5 6.51 -12.75 -19.86
C SER A 5 7.12 -12.37 -18.54
N ALA A 6 8.05 -11.42 -18.59
CA ALA A 6 8.62 -10.91 -17.34
C ALA A 6 7.53 -10.35 -16.44
N GLN A 7 6.56 -9.63 -17.01
CA GLN A 7 5.48 -9.09 -16.19
C GLN A 7 4.67 -10.20 -15.54
N GLU A 8 4.40 -11.29 -16.29
CA GLU A 8 3.69 -12.42 -15.69
C GLU A 8 4.51 -13.05 -14.59
N LEU A 9 5.83 -13.14 -14.78
CA LEU A 9 6.68 -13.69 -13.74
C LEU A 9 6.65 -12.82 -12.49
N LYS A 10 6.60 -11.49 -12.67
CA LYS A 10 6.51 -10.60 -11.50
C LYS A 10 5.22 -10.86 -10.76
N GLU A 11 4.11 -10.99 -11.49
CA GLU A 11 2.83 -11.20 -10.82
C GLU A 11 2.81 -12.56 -10.11
N GLN A 12 3.41 -13.57 -10.73
CA GLN A 12 3.52 -14.88 -10.09
C GLN A 12 4.37 -14.78 -8.83
N GLY A 13 5.47 -14.02 -8.89
CA GLY A 13 6.26 -13.82 -7.68
C GLY A 13 5.45 -13.12 -6.60
N ASN A 14 4.62 -12.15 -6.97
CA ASN A 14 3.81 -11.45 -5.98
C ASN A 14 2.86 -12.42 -5.31
N ARG A 15 2.27 -13.34 -6.09
CA ARG A 15 1.39 -14.30 -5.45
C ARG A 15 2.16 -15.24 -4.53
N LEU A 16 3.36 -15.64 -4.92
CA LEU A 16 4.21 -16.43 -4.03
C LEU A 16 4.56 -15.66 -2.77
N PHE A 17 4.83 -14.37 -2.90
CA PHE A 17 5.15 -13.56 -1.71
C PHE A 17 3.94 -13.48 -0.78
N VAL A 18 2.76 -13.22 -1.34
CA VAL A 18 1.52 -13.22 -0.56
C VAL A 18 1.31 -14.57 0.10
N GLY A 19 1.70 -15.66 -0.57
CA GLY A 19 1.65 -16.97 0.02
C GLY A 19 2.74 -17.27 1.03
N ARG A 20 3.56 -16.26 1.36
N ARG A 20 3.54 -16.27 1.39
N ARG A 20 3.60 -16.28 1.33
CA ARG A 20 4.62 -16.39 2.37
CA ARG A 20 4.62 -16.42 2.38
CA ARG A 20 4.62 -16.38 2.38
C ARG A 20 5.67 -17.42 1.94
C ARG A 20 5.63 -17.48 1.95
C ARG A 20 5.73 -17.38 2.03
N LYS A 21 5.82 -17.62 0.63
N LYS A 21 5.84 -17.63 0.64
CA LYS A 21 6.82 -18.51 0.07
CA LYS A 21 6.85 -18.53 0.10
C LYS A 21 7.97 -17.65 -0.45
C LYS A 21 7.97 -17.66 -0.44
N TYR A 22 8.82 -17.17 0.48
CA TYR A 22 9.77 -16.13 0.10
C TYR A 22 10.92 -16.64 -0.78
N PRO A 23 11.53 -17.81 -0.51
CA PRO A 23 12.56 -18.32 -1.44
C PRO A 23 12.00 -18.52 -2.83
N GLU A 24 10.79 -19.06 -2.89
CA GLU A 24 10.15 -19.29 -4.16
C GLU A 24 9.84 -17.97 -4.86
N ALA A 25 9.33 -16.98 -4.12
CA ALA A 25 9.08 -15.69 -4.75
C ALA A 25 10.37 -15.07 -5.25
N ALA A 26 11.44 -15.12 -4.45
CA ALA A 26 12.67 -14.53 -4.91
C ALA A 26 13.11 -15.16 -6.21
N ALA A 27 13.02 -16.49 -6.31
CA ALA A 27 13.44 -17.16 -7.53
C ALA A 27 12.57 -16.75 -8.71
N CYS A 28 11.27 -16.60 -8.47
N CYS A 28 11.27 -16.59 -8.48
CA CYS A 28 10.37 -16.10 -9.50
CA CYS A 28 10.38 -16.10 -9.54
C CYS A 28 10.78 -14.71 -9.97
C CYS A 28 10.72 -14.69 -9.99
N TYR A 29 10.99 -13.78 -9.04
CA TYR A 29 11.43 -12.46 -9.45
C TYR A 29 12.75 -12.56 -10.21
N GLY A 30 13.61 -13.50 -9.84
CA GLY A 30 14.85 -13.70 -10.57
C GLY A 30 14.60 -14.12 -12.00
N ARG A 31 13.61 -14.97 -12.20
CA ARG A 31 13.23 -15.33 -13.57
C ARG A 31 12.67 -14.12 -14.30
N ALA A 32 11.93 -13.25 -13.60
CA ALA A 32 11.46 -12.05 -14.24
C ALA A 32 12.64 -11.18 -14.66
N ILE A 33 13.62 -11.00 -13.75
CA ILE A 33 14.80 -10.18 -14.06
C ILE A 33 15.53 -10.75 -15.28
N THR A 34 15.71 -12.07 -15.32
CA THR A 34 16.39 -12.68 -16.45
C THR A 34 15.68 -12.34 -17.74
N ARG A 35 14.33 -12.41 -17.75
N ARG A 35 14.34 -12.41 -17.76
CA ARG A 35 13.55 -12.07 -18.93
CA ARG A 35 13.58 -12.06 -18.96
C ARG A 35 13.64 -10.59 -19.28
C ARG A 35 13.65 -10.57 -19.29
N ASN A 36 13.70 -9.72 -18.28
CA ASN A 36 13.79 -8.29 -18.55
C ASN A 36 14.46 -7.64 -17.36
N PRO A 37 15.76 -7.35 -17.45
CA PRO A 37 16.50 -6.83 -16.29
C PRO A 37 16.46 -5.31 -16.16
N LEU A 38 15.62 -4.64 -16.92
CA LEU A 38 15.56 -3.19 -16.92
C LEU A 38 14.38 -2.65 -16.15
N VAL A 39 13.72 -3.47 -15.33
CA VAL A 39 12.53 -3.03 -14.60
C VAL A 39 12.89 -3.02 -13.11
N ALA A 40 12.91 -1.81 -12.52
CA ALA A 40 13.41 -1.63 -11.17
C ALA A 40 12.61 -2.44 -10.15
N VAL A 41 11.27 -2.47 -10.29
N VAL A 41 11.29 -2.51 -10.32
CA VAL A 41 10.43 -3.15 -9.27
CA VAL A 41 10.42 -3.11 -9.29
C VAL A 41 10.80 -4.61 -9.08
C VAL A 41 10.71 -4.59 -9.11
N TYR A 42 11.22 -5.28 -10.15
CA TYR A 42 11.56 -6.68 -9.95
C TYR A 42 12.66 -6.81 -8.87
N TYR A 43 13.61 -5.88 -8.87
CA TYR A 43 14.72 -5.91 -7.91
C TYR A 43 14.25 -5.51 -6.52
N THR A 44 13.40 -4.50 -6.45
CA THR A 44 12.89 -4.09 -5.14
C THR A 44 12.03 -5.18 -4.55
N ASN A 45 11.25 -5.85 -5.38
CA ASN A 45 10.43 -6.92 -4.82
C ASN A 45 11.29 -8.07 -4.35
N ARG A 46 12.31 -8.44 -5.15
CA ARG A 46 13.18 -9.51 -4.71
C ARG A 46 13.95 -9.07 -3.45
N ALA A 47 14.31 -7.78 -3.35
CA ALA A 47 15.00 -7.29 -2.16
C ALA A 47 14.15 -7.52 -0.92
N LEU A 48 12.85 -7.28 -1.04
CA LEU A 48 11.98 -7.50 0.11
C LEU A 48 11.92 -8.97 0.48
N CYS A 49 11.91 -9.85 -0.53
CA CYS A 49 12.04 -11.27 -0.26
C CYS A 49 13.30 -11.55 0.53
N TYR A 50 14.43 -10.99 0.09
CA TYR A 50 15.68 -11.27 0.74
C TYR A 50 15.71 -10.69 2.16
N LEU A 51 15.04 -9.57 2.40
CA LEU A 51 14.96 -9.08 3.77
C LEU A 51 14.10 -10.01 4.64
N LYS A 52 13.04 -10.57 4.07
CA LYS A 52 12.23 -11.49 4.85
C LYS A 52 13.04 -12.75 5.17
N MET A 53 14.04 -13.04 4.35
N MET A 53 14.04 -13.04 4.35
CA MET A 53 14.89 -14.22 4.53
CA MET A 53 14.89 -14.22 4.53
C MET A 53 16.21 -13.84 5.20
C MET A 53 16.21 -13.84 5.20
N GLN A 54 16.31 -12.57 5.58
CA GLN A 54 17.49 -12.03 6.25
C GLN A 54 18.78 -12.35 5.49
N GLN A 55 18.72 -12.14 4.18
CA GLN A 55 19.85 -12.32 3.27
C GLN A 55 20.29 -10.93 2.84
N HIS A 56 21.15 -10.32 3.66
CA HIS A 56 21.34 -8.89 3.55
C HIS A 56 22.14 -8.48 2.33
N GLU A 57 23.24 -9.19 2.04
CA GLU A 57 24.04 -8.77 0.90
C GLU A 57 23.23 -8.91 -0.38
N GLN A 58 22.40 -9.95 -0.50
CA GLN A 58 21.57 -10.07 -1.70
C GLN A 58 20.52 -8.96 -1.76
N ALA A 59 19.88 -8.64 -0.62
CA ALA A 59 18.94 -7.52 -0.63
C ALA A 59 19.63 -6.23 -1.01
N LEU A 60 20.82 -5.98 -0.44
CA LEU A 60 21.54 -4.77 -0.73
C LEU A 60 21.80 -4.63 -2.24
N ALA A 61 22.28 -5.70 -2.85
CA ALA A 61 22.62 -5.62 -4.26
C ALA A 61 21.39 -5.30 -5.09
N ASP A 62 20.25 -5.90 -4.71
CA ASP A 62 19.02 -5.63 -5.44
C ASP A 62 18.54 -4.21 -5.25
N CYS A 63 18.69 -3.65 -4.04
CA CYS A 63 18.29 -2.28 -3.87
C CYS A 63 19.17 -1.33 -4.68
N ARG A 64 20.48 -1.62 -4.73
CA ARG A 64 21.38 -0.77 -5.52
C ARG A 64 20.97 -0.78 -6.97
N ARG A 65 20.70 -1.98 -7.53
CA ARG A 65 20.30 -2.09 -8.92
C ARG A 65 18.95 -1.40 -9.16
N ALA A 66 17.97 -1.62 -8.28
CA ALA A 66 16.70 -0.90 -8.44
C ALA A 66 16.92 0.60 -8.53
N LEU A 67 17.75 1.14 -7.66
CA LEU A 67 17.94 2.58 -7.67
C LEU A 67 18.70 3.07 -8.91
N GLU A 68 19.56 2.23 -9.49
CA GLU A 68 20.19 2.55 -10.79
C GLU A 68 19.15 2.69 -11.89
N LEU A 69 18.10 1.88 -11.84
CA LEU A 69 17.05 1.93 -12.86
C LEU A 69 15.97 2.95 -12.54
N ASP A 70 15.66 3.20 -11.26
CA ASP A 70 14.66 4.20 -10.90
C ASP A 70 15.16 4.95 -9.67
N GLY A 71 15.92 6.03 -9.88
CA GLY A 71 16.44 6.85 -8.80
C GLY A 71 15.40 7.60 -7.99
N GLN A 72 14.15 7.56 -8.44
CA GLN A 72 13.05 8.23 -7.77
C GLN A 72 12.23 7.30 -6.90
N SER A 73 12.63 6.04 -6.78
CA SER A 73 11.79 5.02 -6.14
C SER A 73 11.76 5.22 -4.63
N VAL A 74 10.58 5.56 -4.10
CA VAL A 74 10.38 5.58 -2.64
C VAL A 74 10.72 4.21 -2.03
N LYS A 75 10.11 3.17 -2.58
CA LYS A 75 10.28 1.83 -2.05
C LYS A 75 11.75 1.40 -2.03
N ALA A 76 12.49 1.65 -3.09
CA ALA A 76 13.85 1.13 -3.11
C ALA A 76 14.77 1.90 -2.17
N HIS A 77 14.52 3.20 -2.00
CA HIS A 77 15.26 3.92 -0.95
C HIS A 77 14.89 3.39 0.43
N PHE A 78 13.61 3.15 0.67
CA PHE A 78 13.22 2.62 1.98
C PHE A 78 13.90 1.27 2.24
N PHE A 79 13.83 0.34 1.26
CA PHE A 79 14.46 -0.94 1.49
C PHE A 79 15.97 -0.85 1.58
N LEU A 80 16.60 0.03 0.80
CA LEU A 80 18.05 0.22 0.93
C LEU A 80 18.37 0.68 2.34
N GLY A 81 17.60 1.65 2.84
CA GLY A 81 17.83 2.15 4.18
C GLY A 81 17.62 1.08 5.24
N GLN A 82 16.57 0.27 5.09
CA GLN A 82 16.33 -0.82 6.04
C GLN A 82 17.48 -1.83 6.01
N CYS A 83 17.94 -2.19 4.82
N CYS A 83 17.89 -2.23 4.80
CA CYS A 83 19.05 -3.13 4.74
CA CYS A 83 19.08 -3.08 4.62
C CYS A 83 20.30 -2.55 5.39
C CYS A 83 20.25 -2.53 5.40
N GLN A 84 20.58 -1.28 5.14
CA GLN A 84 21.74 -0.66 5.76
C GLN A 84 21.58 -0.62 7.26
N LEU A 85 20.37 -0.35 7.72
CA LEU A 85 20.14 -0.25 9.16
C LEU A 85 20.49 -1.57 9.83
N GLU A 86 20.07 -2.67 9.22
CA GLU A 86 20.31 -3.99 9.78
C GLU A 86 21.78 -4.37 9.71
N MET A 87 22.52 -3.80 8.78
CA MET A 87 23.94 -4.06 8.68
C MET A 87 24.71 -3.05 9.51
N GLU A 88 24.00 -2.17 10.22
N GLU A 88 23.99 -2.21 10.26
CA GLU A 88 24.57 -1.15 11.11
CA GLU A 88 24.59 -1.18 11.13
C GLU A 88 25.31 -0.06 10.37
C GLU A 88 25.41 -0.18 10.35
N SER A 89 25.05 0.10 9.08
N SER A 89 25.02 0.05 9.11
CA SER A 89 25.54 1.24 8.33
CA SER A 89 25.51 1.20 8.36
C SER A 89 24.58 2.42 8.57
C SER A 89 24.53 2.34 8.60
N TYR A 90 24.62 2.91 9.81
CA TYR A 90 23.55 3.78 10.29
C TYR A 90 23.43 5.06 9.49
N ASP A 91 24.55 5.75 9.24
CA ASP A 91 24.41 7.05 8.63
C ASP A 91 23.87 6.93 7.21
N GLU A 92 24.35 5.93 6.47
CA GLU A 92 23.84 5.68 5.13
C GLU A 92 22.37 5.32 5.18
N ALA A 93 22.01 4.50 6.17
CA ALA A 93 20.60 4.09 6.28
C ALA A 93 19.71 5.29 6.49
N ILE A 94 20.08 6.14 7.46
CA ILE A 94 19.27 7.31 7.76
C ILE A 94 19.14 8.22 6.56
N ALA A 95 20.23 8.41 5.82
CA ALA A 95 20.16 9.29 4.66
C ALA A 95 19.23 8.71 3.60
N ASN A 96 19.27 7.39 3.41
CA ASN A 96 18.37 6.79 2.43
C ASN A 96 16.92 6.82 2.91
N LEU A 97 16.68 6.69 4.22
CA LEU A 97 15.32 6.85 4.70
C LEU A 97 14.82 8.28 4.57
N GLN A 98 15.70 9.27 4.81
N GLN A 98 15.70 9.27 4.84
CA GLN A 98 15.30 10.64 4.60
CA GLN A 98 15.34 10.66 4.61
C GLN A 98 14.98 10.90 3.14
C GLN A 98 15.00 10.90 3.15
N ARG A 99 15.76 10.32 2.23
N ARG A 99 15.79 10.31 2.25
CA ARG A 99 15.44 10.47 0.81
CA ARG A 99 15.48 10.41 0.81
C ARG A 99 14.12 9.78 0.50
C ARG A 99 14.14 9.77 0.51
N ALA A 100 13.88 8.59 1.08
CA ALA A 100 12.59 7.94 0.85
C ALA A 100 11.44 8.84 1.30
N TYR A 101 11.61 9.50 2.44
CA TYR A 101 10.58 10.39 2.96
C TYR A 101 10.32 11.57 2.03
N SER A 102 11.39 12.24 1.61
CA SER A 102 11.24 13.40 0.74
C SER A 102 10.63 13.00 -0.59
N LEU A 103 11.08 11.88 -1.15
CA LEU A 103 10.49 11.41 -2.40
C LEU A 103 9.01 11.06 -2.19
N ALA A 104 8.70 10.49 -1.03
CA ALA A 104 7.30 10.12 -0.77
C ALA A 104 6.42 11.35 -0.67
N LYS A 105 6.90 12.39 0.01
CA LYS A 105 6.10 13.60 0.10
C LYS A 105 5.88 14.19 -1.28
N GLU A 106 6.95 14.24 -2.09
CA GLU A 106 6.82 14.77 -3.43
C GLU A 106 5.83 13.99 -4.28
N GLN A 107 5.81 12.67 -4.12
CA GLN A 107 4.93 11.81 -4.89
C GLN A 107 3.58 11.58 -4.22
N ARG A 108 3.34 12.21 -3.08
N ARG A 108 3.35 12.18 -3.07
CA ARG A 108 2.10 12.02 -2.30
CA ARG A 108 2.11 12.01 -2.32
C ARG A 108 1.90 10.54 -1.99
C ARG A 108 1.89 10.54 -1.98
N LEU A 109 3.01 9.87 -1.69
CA LEU A 109 3.01 8.48 -1.23
C LEU A 109 3.48 8.38 0.22
N ASN A 110 3.43 9.48 0.98
N ASN A 110 3.34 9.47 0.96
CA ASN A 110 3.81 9.46 2.39
CA ASN A 110 3.72 9.52 2.36
C ASN A 110 2.59 9.16 3.24
C ASN A 110 2.52 9.16 3.22
N PHE A 111 2.46 7.89 3.64
CA PHE A 111 1.24 7.36 4.25
C PHE A 111 1.42 7.39 5.75
N GLY A 112 0.49 8.04 6.42
CA GLY A 112 0.45 8.06 7.86
C GLY A 112 1.76 8.64 8.33
N ASP A 113 2.31 8.04 9.38
CA ASP A 113 3.62 8.45 9.90
C ASP A 113 4.67 7.36 9.65
N ASP A 114 4.49 6.58 8.60
CA ASP A 114 5.27 5.35 8.43
C ASP A 114 6.75 5.65 8.25
N ILE A 115 7.11 6.46 7.25
CA ILE A 115 8.54 6.66 6.99
C ILE A 115 9.17 7.51 8.08
N PRO A 116 8.50 8.57 8.59
CA PRO A 116 9.03 9.24 9.79
C PRO A 116 9.25 8.31 10.94
N SER A 117 8.37 7.32 11.15
CA SER A 117 8.60 6.36 12.21
C SER A 117 9.86 5.52 11.95
N ALA A 118 10.06 5.10 10.69
CA ALA A 118 11.27 4.37 10.35
C ALA A 118 12.49 5.22 10.63
N LEU A 119 12.41 6.52 10.34
N LEU A 119 12.40 6.51 10.33
CA LEU A 119 13.50 7.45 10.62
CA LEU A 119 13.53 7.40 10.61
C LEU A 119 13.80 7.53 12.11
C LEU A 119 13.80 7.53 12.09
N ARG A 120 12.75 7.65 12.90
CA ARG A 120 12.98 7.77 14.34
C ARG A 120 13.65 6.52 14.86
N ILE A 121 13.17 5.35 14.41
CA ILE A 121 13.72 4.09 14.88
C ILE A 121 15.17 3.94 14.46
N ALA A 122 15.50 4.30 13.22
CA ALA A 122 16.88 4.21 12.74
C ALA A 122 17.79 5.12 13.54
N LYS A 123 17.33 6.33 13.81
CA LYS A 123 18.16 7.29 14.54
C LYS A 123 18.37 6.81 15.97
N LYS A 124 17.35 6.19 16.58
CA LYS A 124 17.49 5.73 17.96
C LYS A 124 18.38 4.50 18.02
N LYS A 125 18.28 3.63 17.02
CA LYS A 125 19.21 2.50 17.00
C LYS A 125 20.64 2.98 16.83
N ARG A 126 20.87 3.99 16.00
CA ARG A 126 22.21 4.53 15.84
C ARG A 126 22.68 5.11 17.15
N TRP A 127 21.81 5.88 17.78
CA TRP A 127 22.17 6.55 19.04
C TRP A 127 22.49 5.52 20.11
N ASN A 128 21.62 4.50 20.24
CA ASN A 128 21.88 3.45 21.23
C ASN A 128 23.21 2.77 20.95
N SER A 129 23.55 2.56 19.68
CA SER A 129 24.79 1.84 19.39
C SER A 129 26.02 2.63 19.82
N ILE A 130 25.97 3.94 19.76
CA ILE A 130 27.10 4.75 20.20
C ILE A 130 27.07 4.87 21.73
N GLU A 131 25.88 5.06 22.30
CA GLU A 131 25.75 5.31 23.74
C GLU A 131 26.17 4.10 24.57
N GLU A 132 25.98 2.90 24.04
CA GLU A 132 26.28 1.63 24.68
C GLU A 132 27.74 1.24 24.62
N ARG A 133 28.56 1.99 23.91
CA ARG A 133 29.97 1.65 23.82
C ARG A 133 30.75 2.01 25.07
N ARG A 134 31.80 1.24 25.35
CA ARG A 134 32.71 1.54 26.47
C ARG A 134 34.02 2.11 25.92
N SER B 3 -11.97 2.41 -28.97
CA SER B 3 -12.30 2.66 -27.56
C SER B 3 -11.52 1.75 -26.63
N PRO B 4 -11.18 2.25 -25.44
CA PRO B 4 -10.39 1.46 -24.49
C PRO B 4 -11.25 0.51 -23.70
N SER B 5 -10.60 -0.51 -23.12
CA SER B 5 -11.35 -1.49 -22.35
C SER B 5 -11.67 -0.94 -20.97
N ALA B 6 -12.52 -1.65 -20.23
CA ALA B 6 -12.90 -1.23 -18.88
C ALA B 6 -11.67 -1.05 -17.99
N GLN B 7 -10.72 -2.00 -18.04
CA GLN B 7 -9.52 -1.86 -17.22
C GLN B 7 -8.75 -0.61 -17.58
N GLU B 8 -8.63 -0.30 -18.88
CA GLU B 8 -7.94 0.92 -19.30
C GLU B 8 -8.71 2.17 -18.88
N LEU B 9 -10.04 2.12 -18.92
CA LEU B 9 -10.84 3.21 -18.38
C LEU B 9 -10.61 3.37 -16.89
N LYS B 10 -10.44 2.26 -16.17
CA LYS B 10 -10.11 2.35 -14.75
C LYS B 10 -8.78 3.05 -14.56
N GLU B 11 -7.76 2.63 -15.33
CA GLU B 11 -6.46 3.25 -15.20
C GLU B 11 -6.51 4.74 -15.54
N GLN B 12 -7.32 5.11 -16.54
CA GLN B 12 -7.47 6.53 -16.84
C GLN B 12 -8.07 7.28 -15.66
N GLY B 13 -9.08 6.70 -15.03
CA GLY B 13 -9.62 7.30 -13.83
C GLY B 13 -8.56 7.47 -12.76
N ASN B 14 -7.74 6.44 -12.58
CA ASN B 14 -6.70 6.48 -11.55
C ASN B 14 -5.75 7.65 -11.78
N ARG B 15 -5.27 7.79 -13.02
CA ARG B 15 -4.41 8.92 -13.34
C ARG B 15 -5.11 10.24 -13.05
N LEU B 16 -6.37 10.37 -13.48
CA LEU B 16 -7.12 11.57 -13.16
C LEU B 16 -7.26 11.76 -11.65
N PHE B 17 -7.56 10.68 -10.90
CA PHE B 17 -7.68 10.84 -9.45
C PHE B 17 -6.37 11.30 -8.84
N VAL B 18 -5.25 10.68 -9.24
CA VAL B 18 -3.96 11.13 -8.72
C VAL B 18 -3.73 12.58 -9.10
N GLY B 19 -4.24 13.02 -10.26
CA GLY B 19 -4.15 14.42 -10.59
C GLY B 19 -5.14 15.32 -9.87
N ARG B 20 -5.95 14.76 -8.96
CA ARG B 20 -6.94 15.49 -8.18
C ARG B 20 -8.09 16.02 -9.03
N LYS B 21 -8.38 15.34 -10.15
CA LYS B 21 -9.49 15.72 -11.01
C LYS B 21 -10.65 14.76 -10.73
N TYR B 22 -11.41 15.10 -9.69
CA TYR B 22 -12.35 14.12 -9.15
C TYR B 22 -13.56 13.89 -10.04
N PRO B 23 -14.25 14.92 -10.56
CA PRO B 23 -15.35 14.63 -11.50
C PRO B 23 -14.87 13.89 -12.72
N GLU B 24 -13.69 14.26 -13.26
CA GLU B 24 -13.18 13.59 -14.46
C GLU B 24 -12.85 12.13 -14.17
N ALA B 25 -12.21 11.89 -13.02
CA ALA B 25 -11.96 10.52 -12.59
C ALA B 25 -13.26 9.76 -12.46
N ALA B 26 -14.23 10.37 -11.80
CA ALA B 26 -15.50 9.69 -11.58
C ALA B 26 -16.18 9.35 -12.89
N ALA B 27 -16.20 10.27 -13.86
CA ALA B 27 -16.77 9.97 -15.17
C ALA B 27 -16.06 8.78 -15.82
N CYS B 28 -14.73 8.68 -15.69
CA CYS B 28 -14.01 7.54 -16.26
C CYS B 28 -14.43 6.24 -15.60
N TYR B 29 -14.48 6.22 -14.27
CA TYR B 29 -14.93 5.01 -13.58
C TYR B 29 -16.33 4.64 -14.03
N GLY B 30 -17.17 5.64 -14.31
CA GLY B 30 -18.51 5.36 -14.82
C GLY B 30 -18.49 4.68 -16.18
N ARG B 31 -17.59 5.11 -17.07
CA ARG B 31 -17.45 4.45 -18.36
C ARG B 31 -16.87 3.04 -18.21
N ALA B 32 -15.96 2.85 -17.25
CA ALA B 32 -15.46 1.50 -16.95
C ALA B 32 -16.59 0.60 -16.46
N ILE B 33 -17.45 1.15 -15.58
CA ILE B 33 -18.60 0.41 -15.08
C ILE B 33 -19.55 0.03 -16.21
N THR B 34 -19.80 0.96 -17.14
CA THR B 34 -20.70 0.66 -18.25
C THR B 34 -20.10 -0.45 -19.10
N ARG B 35 -18.78 -0.44 -19.28
CA ARG B 35 -18.15 -1.46 -20.09
C ARG B 35 -18.09 -2.80 -19.37
N ASN B 36 -17.94 -2.78 -18.04
CA ASN B 36 -17.93 -4.01 -17.24
C ASN B 36 -18.49 -3.66 -15.89
N PRO B 37 -19.80 -3.85 -15.69
CA PRO B 37 -20.44 -3.52 -14.41
C PRO B 37 -20.24 -4.55 -13.30
N LEU B 38 -19.32 -5.49 -13.49
CA LEU B 38 -19.15 -6.59 -12.54
C LEU B 38 -17.88 -6.45 -11.72
N VAL B 39 -17.18 -5.32 -11.79
CA VAL B 39 -15.90 -5.14 -11.12
C VAL B 39 -16.11 -4.22 -9.94
N ALA B 40 -15.99 -4.76 -8.73
CA ALA B 40 -16.27 -3.99 -7.52
C ALA B 40 -15.42 -2.72 -7.45
N VAL B 41 -14.13 -2.81 -7.82
CA VAL B 41 -13.22 -1.71 -7.49
C VAL B 41 -13.58 -0.46 -8.26
N TYR B 42 -14.20 -0.60 -9.44
CA TYR B 42 -14.62 0.60 -10.18
C TYR B 42 -15.57 1.42 -9.33
N TYR B 43 -16.47 0.75 -8.61
CA TYR B 43 -17.38 1.48 -7.73
C TYR B 43 -16.65 2.00 -6.49
N THR B 44 -15.77 1.19 -5.90
CA THR B 44 -15.06 1.68 -4.74
C THR B 44 -14.22 2.89 -5.06
N ASN B 45 -13.56 2.88 -6.24
CA ASN B 45 -12.76 4.02 -6.65
C ASN B 45 -13.63 5.25 -6.92
N ARG B 46 -14.77 5.08 -7.59
CA ARG B 46 -15.65 6.23 -7.79
C ARG B 46 -16.21 6.73 -6.45
N ALA B 47 -16.47 5.82 -5.50
CA ALA B 47 -16.91 6.24 -4.18
C ALA B 47 -15.90 7.20 -3.54
N LEU B 48 -14.61 6.90 -3.72
CA LEU B 48 -13.59 7.75 -3.16
C LEU B 48 -13.59 9.13 -3.81
N CYS B 49 -13.83 9.21 -5.13
CA CYS B 49 -14.02 10.53 -5.76
C CYS B 49 -15.20 11.27 -5.13
N TYR B 50 -16.31 10.56 -4.91
CA TYR B 50 -17.46 11.22 -4.32
C TYR B 50 -17.20 11.67 -2.90
N LEU B 51 -16.46 10.87 -2.12
CA LEU B 51 -16.08 11.32 -0.78
C LEU B 51 -15.26 12.61 -0.88
N LYS B 52 -14.32 12.68 -1.83
CA LYS B 52 -13.49 13.87 -1.91
C LYS B 52 -14.33 15.08 -2.31
N MET B 53 -15.36 14.84 -3.11
CA MET B 53 -16.30 15.88 -3.51
C MET B 53 -17.40 16.09 -2.49
N GLN B 54 -17.33 15.39 -1.35
CA GLN B 54 -18.34 15.44 -0.29
C GLN B 54 -19.75 15.24 -0.83
N GLN B 55 -19.91 14.23 -1.69
CA GLN B 55 -21.22 13.86 -2.22
C GLN B 55 -21.57 12.51 -1.59
N HIS B 56 -22.11 12.57 -0.38
CA HIS B 56 -22.13 11.39 0.47
C HIS B 56 -23.13 10.37 -0.01
N GLU B 57 -24.32 10.81 -0.45
CA GLU B 57 -25.29 9.83 -0.94
C GLU B 57 -24.77 9.06 -2.15
N GLN B 58 -24.06 9.74 -3.07
CA GLN B 58 -23.49 9.00 -4.20
C GLN B 58 -22.36 8.07 -3.75
N ALA B 59 -21.56 8.49 -2.78
CA ALA B 59 -20.49 7.63 -2.27
C ALA B 59 -21.07 6.40 -1.57
N LEU B 60 -22.08 6.62 -0.72
CA LEU B 60 -22.83 5.52 -0.12
C LEU B 60 -23.29 4.52 -1.14
N ALA B 61 -23.94 4.97 -2.21
CA ALA B 61 -24.49 4.04 -3.19
C ALA B 61 -23.37 3.24 -3.86
N ASP B 62 -22.25 3.89 -4.15
CA ASP B 62 -21.16 3.18 -4.79
C ASP B 62 -20.52 2.16 -3.86
N CYS B 63 -20.33 2.52 -2.58
CA CYS B 63 -19.79 1.53 -1.64
C CYS B 63 -20.71 0.32 -1.53
N ARG B 64 -22.02 0.55 -1.44
CA ARG B 64 -22.95 -0.57 -1.31
C ARG B 64 -22.92 -1.47 -2.54
N ARG B 65 -22.83 -0.87 -3.72
CA ARG B 65 -22.71 -1.67 -4.93
C ARG B 65 -21.39 -2.44 -4.97
N ALA B 66 -20.29 -1.79 -4.57
CA ALA B 66 -19.02 -2.50 -4.48
C ALA B 66 -19.15 -3.72 -3.58
N LEU B 67 -19.77 -3.56 -2.40
CA LEU B 67 -19.86 -4.67 -1.45
C LEU B 67 -20.78 -5.76 -1.96
N GLU B 68 -21.78 -5.42 -2.77
CA GLU B 68 -22.56 -6.48 -3.41
C GLU B 68 -21.68 -7.34 -4.30
N LEU B 69 -20.76 -6.73 -5.05
CA LEU B 69 -19.88 -7.45 -5.97
C LEU B 69 -18.69 -8.12 -5.28
N ASP B 70 -18.17 -7.52 -4.21
CA ASP B 70 -17.02 -8.09 -3.47
C ASP B 70 -17.27 -7.88 -1.98
N GLY B 71 -17.94 -8.84 -1.36
CA GLY B 71 -18.24 -8.73 0.03
C GLY B 71 -17.02 -8.82 0.90
N GLN B 72 -15.88 -9.22 0.35
N GLN B 72 -15.88 -9.22 0.32
CA GLN B 72 -14.65 -9.32 1.12
CA GLN B 72 -14.62 -9.35 1.03
C GLN B 72 -13.79 -8.07 1.01
C GLN B 72 -13.81 -8.07 1.03
N SER B 73 -14.29 -7.01 0.42
CA SER B 73 -13.44 -5.84 0.15
C SER B 73 -13.16 -5.05 1.43
N VAL B 74 -11.89 -4.99 1.81
CA VAL B 74 -11.51 -4.16 2.95
C VAL B 74 -11.75 -2.69 2.65
N LYS B 75 -11.30 -2.23 1.48
CA LYS B 75 -11.40 -0.83 1.09
C LYS B 75 -12.85 -0.36 1.06
N ALA B 76 -13.75 -1.18 0.49
CA ALA B 76 -15.13 -0.73 0.38
C ALA B 76 -15.79 -0.65 1.74
N HIS B 77 -15.45 -1.57 2.68
CA HIS B 77 -15.99 -1.44 4.04
C HIS B 77 -15.43 -0.21 4.74
N PHE B 78 -14.15 0.09 4.53
CA PHE B 78 -13.54 1.25 5.16
C PHE B 78 -14.19 2.54 4.64
N PHE B 79 -14.38 2.64 3.31
CA PHE B 79 -15.00 3.85 2.77
C PHE B 79 -16.44 3.95 3.22
N LEU B 80 -17.16 2.83 3.26
CA LEU B 80 -18.55 2.87 3.71
C LEU B 80 -18.64 3.35 5.14
N GLY B 81 -17.82 2.78 6.03
CA GLY B 81 -17.85 3.23 7.40
C GLY B 81 -17.47 4.68 7.57
N GLN B 82 -16.43 5.13 6.87
CA GLN B 82 -16.04 6.53 6.99
C GLN B 82 -17.14 7.44 6.47
N CYS B 83 -17.75 7.06 5.34
CA CYS B 83 -18.87 7.84 4.84
C CYS B 83 -19.99 7.94 5.86
N GLN B 84 -20.36 6.80 6.43
CA GLN B 84 -21.44 6.76 7.42
C GLN B 84 -21.07 7.56 8.65
N LEU B 85 -19.80 7.53 9.04
CA LEU B 85 -19.42 8.29 10.21
C LEU B 85 -19.60 9.80 9.97
N GLU B 86 -19.24 10.28 8.77
CA GLU B 86 -19.42 11.67 8.42
C GLU B 86 -20.89 12.06 8.46
N MET B 87 -21.75 11.10 8.16
CA MET B 87 -23.19 11.27 8.20
C MET B 87 -23.75 11.08 9.59
N GLU B 88 -22.89 10.80 10.57
CA GLU B 88 -23.28 10.55 11.96
C GLU B 88 -24.19 9.34 12.11
N SER B 89 -24.02 8.33 11.24
CA SER B 89 -24.71 7.07 11.39
C SER B 89 -23.73 6.16 12.12
N TYR B 90 -23.61 6.37 13.43
CA TYR B 90 -22.47 5.82 14.16
C TYR B 90 -22.47 4.30 14.20
N ASP B 91 -23.59 3.68 14.57
CA ASP B 91 -23.56 2.24 14.74
C ASP B 91 -23.21 1.53 13.44
N GLU B 92 -23.76 2.00 12.31
CA GLU B 92 -23.42 1.39 11.03
C GLU B 92 -21.95 1.62 10.68
N ALA B 93 -21.44 2.82 10.96
CA ALA B 93 -20.07 3.19 10.63
C ALA B 93 -19.12 2.25 11.37
N ILE B 94 -19.37 2.09 12.66
CA ILE B 94 -18.52 1.24 13.50
C ILE B 94 -18.58 -0.19 13.03
N ALA B 95 -19.78 -0.69 12.65
CA ALA B 95 -19.85 -2.07 12.22
C ALA B 95 -19.07 -2.29 10.91
N ASN B 96 -19.08 -1.31 10.03
CA ASN B 96 -18.35 -1.44 8.78
C ASN B 96 -16.85 -1.30 8.97
N LEU B 97 -16.43 -0.44 9.89
CA LEU B 97 -15.02 -0.35 10.17
C LEU B 97 -14.52 -1.60 10.86
N GLN B 98 -15.35 -2.18 11.73
N GLN B 98 -15.35 -2.17 11.73
CA GLN B 98 -14.97 -3.44 12.38
CA GLN B 98 -15.00 -3.42 12.37
C GLN B 98 -14.85 -4.56 11.35
C GLN B 98 -14.84 -4.53 11.35
N ARG B 99 -15.75 -4.61 10.36
CA ARG B 99 -15.63 -5.64 9.34
C ARG B 99 -14.41 -5.38 8.44
N ALA B 100 -14.15 -4.11 8.12
CA ALA B 100 -12.93 -3.78 7.40
C ALA B 100 -11.73 -4.34 8.16
N TYR B 101 -11.69 -4.12 9.48
CA TYR B 101 -10.56 -4.61 10.27
C TYR B 101 -10.48 -6.13 10.26
N SER B 102 -11.61 -6.81 10.49
N SER B 102 -11.62 -6.81 10.47
CA SER B 102 -11.59 -8.27 10.50
CA SER B 102 -11.56 -8.27 10.51
C SER B 102 -11.12 -8.84 9.16
C SER B 102 -11.13 -8.85 9.17
N LEU B 103 -11.64 -8.30 8.05
CA LEU B 103 -11.21 -8.75 6.73
C LEU B 103 -9.75 -8.44 6.48
N ALA B 104 -9.29 -7.28 6.93
CA ALA B 104 -7.89 -6.92 6.75
C ALA B 104 -6.99 -7.90 7.50
N LYS B 105 -7.39 -8.29 8.70
CA LYS B 105 -6.57 -9.26 9.42
C LYS B 105 -6.53 -10.57 8.65
N GLU B 106 -7.69 -11.04 8.16
CA GLU B 106 -7.74 -12.32 7.43
C GLU B 106 -6.89 -12.25 6.18
N GLN B 107 -6.87 -11.11 5.51
CA GLN B 107 -6.19 -11.00 4.23
C GLN B 107 -4.76 -10.54 4.37
N ARG B 108 -4.32 -10.30 5.61
CA ARG B 108 -3.01 -9.72 5.90
C ARG B 108 -2.84 -8.37 5.19
N LEU B 109 -3.90 -7.54 5.26
CA LEU B 109 -3.87 -6.17 4.78
C LEU B 109 -4.12 -5.18 5.91
N ASN B 110 -3.83 -5.59 7.16
CA ASN B 110 -4.00 -4.68 8.29
C ASN B 110 -2.71 -3.89 8.45
N PHE B 111 -2.59 -2.80 7.74
CA PHE B 111 -1.32 -2.07 7.69
C PHE B 111 -1.27 -1.09 8.85
N GLY B 112 -0.20 -1.15 9.63
CA GLY B 112 0.00 -0.11 10.60
C GLY B 112 -1.07 0.02 11.65
N ASP B 113 -1.89 -1.01 11.84
CA ASP B 113 -3.10 -0.87 12.70
C ASP B 113 -3.88 0.42 12.38
N ASP B 114 -3.96 0.75 11.11
CA ASP B 114 -4.66 1.96 10.69
C ASP B 114 -6.18 1.82 10.85
N ILE B 115 -6.75 0.69 10.40
CA ILE B 115 -8.19 0.51 10.58
C ILE B 115 -8.56 0.44 12.05
N PRO B 116 -7.80 -0.23 12.93
CA PRO B 116 -8.12 -0.14 14.37
C PRO B 116 -8.12 1.26 14.87
N SER B 117 -7.21 2.08 14.36
CA SER B 117 -7.20 3.46 14.81
C SER B 117 -8.43 4.21 14.35
N ALA B 118 -8.86 3.99 13.11
CA ALA B 118 -10.10 4.62 12.65
C ALA B 118 -11.29 4.15 13.47
N LEU B 119 -11.33 2.85 13.77
CA LEU B 119 -12.41 2.28 14.58
C LEU B 119 -12.45 2.88 15.97
N ARG B 120 -11.29 3.02 16.61
CA ARG B 120 -11.24 3.64 17.92
C ARG B 120 -11.83 5.04 17.88
N ILE B 121 -11.45 5.82 16.86
CA ILE B 121 -11.98 7.17 16.74
C ILE B 121 -13.49 7.15 16.52
N ALA B 122 -13.97 6.26 15.63
CA ALA B 122 -15.41 6.16 15.41
C ALA B 122 -16.17 5.84 16.70
N LYS B 123 -15.66 4.89 17.48
CA LYS B 123 -16.33 4.54 18.74
C LYS B 123 -16.38 5.71 19.70
N LYS B 124 -15.31 6.48 19.79
CA LYS B 124 -15.29 7.61 20.71
C LYS B 124 -16.25 8.68 20.23
N LYS B 125 -16.31 8.91 18.91
CA LYS B 125 -17.28 9.88 18.43
C LYS B 125 -18.69 9.46 18.81
N ARG B 126 -19.00 8.16 18.68
CA ARG B 126 -20.31 7.68 19.11
C ARG B 126 -20.54 7.92 20.60
N TRP B 127 -19.60 7.50 21.44
CA TRP B 127 -19.75 7.74 22.87
C TRP B 127 -20.05 9.20 23.16
N ASN B 128 -19.25 10.10 22.59
CA ASN B 128 -19.42 11.53 22.88
C ASN B 128 -20.77 12.03 22.38
N SER B 129 -21.20 11.54 21.22
N SER B 129 -21.21 11.54 21.22
CA SER B 129 -22.50 11.94 20.69
CA SER B 129 -22.51 11.95 20.71
C SER B 129 -23.61 11.56 21.67
C SER B 129 -23.63 11.55 21.66
N ILE B 130 -23.54 10.34 22.21
CA ILE B 130 -24.55 9.87 23.16
C ILE B 130 -24.54 10.74 24.41
N GLU B 131 -23.37 11.02 24.95
CA GLU B 131 -23.40 11.83 26.16
C GLU B 131 -23.92 13.23 25.89
N GLU B 132 -23.62 13.77 24.71
CA GLU B 132 -23.94 15.15 24.41
C GLU B 132 -25.37 15.35 23.94
N ARG B 133 -26.11 14.29 23.67
CA ARG B 133 -27.46 14.39 23.14
C ARG B 133 -28.48 14.61 24.25
#